data_7RX9
#
_entry.id   7RX9
#
_cell.length_a   151.256
_cell.length_b   151.256
_cell.length_c   94.287
_cell.angle_alpha   90.000
_cell.angle_beta   90.000
_cell.angle_gamma   90.000
#
_symmetry.space_group_name_H-M   'P 41 2 2'
#
loop_
_entity.id
_entity.type
_entity.pdbx_description
1 polymer 'Phosphatidylinositol 3,4,5-trisphosphate-dependent Rac exchanger 1 protein, Endolysin chimera'
2 non-polymer 'SULFATE ION'
#
_entity_poly.entity_id   1
_entity_poly.type   'polypeptide(L)'
_entity_poly.pdbx_seq_one_letter_code
;GRESERQLRLRLCVLNEILGTERDYVGTLRFLQSAFLHRIRQNVADSVEKGLTEENVKVLFSNIEDILEVHKDFLAALEY
CLHPEPQSQHELGNVFLKFKDKFCVYEEYCSNHEKALRLLVELNKIPTVRAFLLSCMLLGGRKTTDIPLEGYLLSPIQRI
CKYPLLLKELAKRTPGKHPDHPAVQSALQAMKTVCSNINETKRQMEKLEALEQLQSHIEGWEGSNLTDICTQLLLQGTLL
KISAGNIQERAFFLFDNLLVYCKRKSNIFEMLRIDERLRLKIYKDTEGYYTIGIGHLLTKSPSLNAAKSELDKAIGRNCN
GVITKDEAEKLFNQDVDAAVRGILRNAKLKPVYDSLDAVRRCALINMVFQMGETGVAGFTNSLRMLQQKRWDEAAVNLAK
SIWYNQTPNRAKRVITTFRTGTWDAYSLYIFRGRINTEVMEVENVEDGTADYHSNGYTVTNGWKIHNTAKNKWFVCMAKT
AEEKQKWLDAIIREREQRESLKLGMERDAYVMIAEKGEKLYHMMMNKKVNLIKDRRRKLSTVPKCFLGNEFVAWLLEIGE
ISKTEEGVNLGQALLENGIIHHVSDKHQFKNEQVMYRFRYDDGTYK
;
_entity_poly.pdbx_strand_id   A
#
# COMPACT_ATOMS: atom_id res chain seq x y z
N GLU A 3 -22.46 -21.58 20.11
CA GLU A 3 -21.65 -20.64 19.33
C GLU A 3 -20.52 -21.37 18.62
N SER A 4 -20.59 -22.70 18.57
CA SER A 4 -19.55 -23.49 17.93
C SER A 4 -19.40 -23.11 16.46
N GLU A 5 -20.52 -22.90 15.77
CA GLU A 5 -20.45 -22.50 14.37
C GLU A 5 -19.87 -21.10 14.21
N ARG A 6 -20.08 -20.23 15.21
CA ARG A 6 -19.42 -18.93 15.17
C ARG A 6 -17.92 -19.09 15.15
N GLN A 7 -17.38 -19.83 16.12
CA GLN A 7 -15.95 -20.10 16.16
C GLN A 7 -15.47 -20.93 14.98
N LEU A 8 -16.40 -21.39 14.12
CA LEU A 8 -16.05 -22.15 12.92
C LEU A 8 -15.84 -21.24 11.72
N ARG A 9 -16.89 -20.48 11.37
CA ARG A 9 -16.75 -19.48 10.29
C ARG A 9 -15.64 -18.49 10.61
N LEU A 10 -15.44 -18.18 11.89
CA LEU A 10 -14.35 -17.29 12.27
C LEU A 10 -13.00 -17.93 11.98
N ARG A 11 -12.86 -19.24 12.20
CA ARG A 11 -11.62 -19.92 11.85
C ARG A 11 -11.37 -19.90 10.35
N LEU A 12 -12.41 -20.17 9.55
CA LEU A 12 -12.25 -20.19 8.10
C LEU A 12 -11.82 -18.82 7.57
N CYS A 13 -12.35 -17.75 8.17
CA CYS A 13 -11.95 -16.41 7.76
C CYS A 13 -10.45 -16.19 8.02
N VAL A 14 -9.94 -16.73 9.12
CA VAL A 14 -8.50 -16.66 9.36
C VAL A 14 -7.74 -17.46 8.32
N LEU A 15 -8.20 -18.69 8.07
CA LEU A 15 -7.55 -19.54 7.08
C LEU A 15 -7.59 -18.89 5.70
N ASN A 16 -8.75 -18.39 5.28
CA ASN A 16 -8.85 -17.71 4.00
C ASN A 16 -7.93 -16.51 3.93
N GLU A 17 -7.78 -15.79 5.05
CA GLU A 17 -6.93 -14.61 5.06
C GLU A 17 -5.46 -14.97 4.94
N ILE A 18 -5.01 -15.96 5.72
CA ILE A 18 -3.60 -16.39 5.66
C ILE A 18 -3.22 -16.76 4.23
N LEU A 19 -4.12 -17.47 3.54
CA LEU A 19 -3.84 -17.87 2.17
C LEU A 19 -3.85 -16.67 1.23
N GLY A 20 -4.92 -15.89 1.25
CA GLY A 20 -5.04 -14.77 0.34
C GLY A 20 -3.97 -13.71 0.54
N THR A 21 -3.57 -13.46 1.79
CA THR A 21 -2.52 -12.49 2.04
C THR A 21 -1.14 -13.04 1.67
N GLU A 22 -0.93 -14.35 1.83
CA GLU A 22 0.32 -14.95 1.39
C GLU A 22 0.45 -14.92 -0.12
N ARG A 23 -0.67 -15.08 -0.82
CA ARG A 23 -0.65 -15.02 -2.29
C ARG A 23 -0.27 -13.64 -2.78
N ASP A 24 -0.89 -12.60 -2.21
CA ASP A 24 -0.55 -11.24 -2.61
C ASP A 24 0.86 -10.84 -2.19
N TYR A 25 1.41 -11.50 -1.17
CA TYR A 25 2.78 -11.24 -0.78
C TYR A 25 3.76 -11.78 -1.81
N VAL A 26 3.60 -13.05 -2.19
CA VAL A 26 4.47 -13.67 -3.18
C VAL A 26 4.37 -12.91 -4.50
N GLY A 27 3.16 -12.50 -4.88
CA GLY A 27 3.01 -11.68 -6.08
C GLY A 27 3.75 -10.36 -5.98
N THR A 28 3.78 -9.76 -4.80
CA THR A 28 4.56 -8.53 -4.60
C THR A 28 6.05 -8.82 -4.73
N LEU A 29 6.50 -9.95 -4.18
CA LEU A 29 7.90 -10.34 -4.34
C LEU A 29 8.22 -10.65 -5.80
N ARG A 30 7.32 -11.37 -6.48
CA ARG A 30 7.52 -11.68 -7.89
C ARG A 30 7.47 -10.43 -8.76
N PHE A 31 6.81 -9.38 -8.29
CA PHE A 31 6.83 -8.11 -9.01
C PHE A 31 8.15 -7.39 -8.83
N LEU A 32 8.74 -7.48 -7.63
CA LEU A 32 9.96 -6.74 -7.36
C LEU A 32 11.14 -7.28 -8.15
N GLN A 33 11.20 -8.59 -8.37
CA GLN A 33 12.33 -9.13 -9.15
C GLN A 33 12.15 -8.86 -10.64
N SER A 34 10.94 -9.03 -11.15
CA SER A 34 10.72 -8.87 -12.59
C SER A 34 10.84 -7.40 -12.99
N ALA A 35 10.25 -6.50 -12.22
CA ALA A 35 10.29 -5.09 -12.55
C ALA A 35 11.66 -4.48 -12.29
N PHE A 36 12.44 -5.06 -11.37
CA PHE A 36 13.71 -4.46 -10.99
C PHE A 36 14.89 -5.40 -11.24
N LEU A 37 15.07 -6.39 -10.35
CA LEU A 37 16.27 -7.21 -10.37
C LEU A 37 16.49 -7.88 -11.72
N HIS A 38 15.43 -8.39 -12.33
CA HIS A 38 15.59 -9.13 -13.59
C HIS A 38 15.83 -8.17 -14.76
N ARG A 39 15.08 -7.08 -14.84
CA ARG A 39 15.16 -6.23 -16.03
C ARG A 39 16.52 -5.55 -16.15
N ILE A 40 17.14 -5.21 -15.02
CA ILE A 40 18.46 -4.58 -15.09
C ILE A 40 19.55 -5.63 -15.33
N ARG A 41 19.37 -6.83 -14.77
CA ARG A 41 20.33 -7.91 -15.02
C ARG A 41 20.35 -8.35 -16.47
N GLN A 42 19.49 -7.79 -17.31
CA GLN A 42 19.51 -8.07 -18.75
C GLN A 42 20.19 -6.92 -19.48
N ASN A 43 19.45 -5.84 -19.73
CA ASN A 43 20.00 -4.66 -20.40
C ASN A 43 20.79 -3.85 -19.37
N VAL A 44 22.09 -4.11 -19.32
CA VAL A 44 22.96 -3.41 -18.37
C VAL A 44 23.52 -2.16 -19.02
N GLY A 51 20.25 4.35 -15.11
CA GLY A 51 21.46 4.72 -14.41
C GLY A 51 21.54 4.15 -13.02
N LEU A 52 21.28 2.85 -12.90
CA LEU A 52 21.31 2.15 -11.62
C LEU A 52 22.42 1.12 -11.66
N THR A 53 23.46 1.33 -10.86
CA THR A 53 24.59 0.41 -10.84
C THR A 53 24.19 -0.92 -10.22
N GLU A 54 25.04 -1.93 -10.44
CA GLU A 54 24.77 -3.25 -9.89
C GLU A 54 24.85 -3.25 -8.37
N GLU A 55 25.83 -2.52 -7.82
CA GLU A 55 25.94 -2.42 -6.36
C GLU A 55 24.72 -1.73 -5.78
N ASN A 56 24.19 -0.72 -6.48
CA ASN A 56 22.97 -0.06 -6.03
C ASN A 56 21.84 -1.06 -5.84
N VAL A 57 21.70 -2.00 -6.77
CA VAL A 57 20.62 -2.98 -6.69
C VAL A 57 20.87 -3.95 -5.53
N LYS A 58 22.12 -4.39 -5.37
CA LYS A 58 22.47 -5.30 -4.29
C LYS A 58 22.15 -4.67 -2.94
N VAL A 59 22.33 -3.35 -2.82
CA VAL A 59 22.05 -2.67 -1.55
C VAL A 59 20.55 -2.53 -1.35
N LEU A 60 19.82 -2.12 -2.40
CA LEU A 60 18.41 -1.79 -2.24
C LEU A 60 17.56 -3.02 -1.96
N PHE A 61 17.85 -4.13 -2.63
CA PHE A 61 16.99 -5.31 -2.58
C PHE A 61 17.57 -6.47 -1.80
N SER A 62 18.90 -6.52 -1.64
CA SER A 62 19.57 -7.48 -0.75
C SER A 62 19.17 -8.89 -1.17
N ASN A 63 18.65 -9.73 -0.27
CA ASN A 63 18.30 -11.11 -0.57
C ASN A 63 16.80 -11.29 -0.78
N ILE A 64 16.14 -10.30 -1.37
CA ILE A 64 14.70 -10.40 -1.65
C ILE A 64 14.41 -11.60 -2.53
N GLU A 65 15.40 -12.05 -3.29
CA GLU A 65 15.20 -13.22 -4.15
C GLU A 65 15.22 -14.51 -3.33
N ASP A 66 16.05 -14.56 -2.29
CA ASP A 66 16.05 -15.71 -1.39
C ASP A 66 14.75 -15.77 -0.59
N ILE A 67 14.25 -14.60 -0.15
CA ILE A 67 12.98 -14.56 0.56
C ILE A 67 11.85 -15.10 -0.32
N LEU A 68 11.92 -14.81 -1.61
CA LEU A 68 10.90 -15.30 -2.53
C LEU A 68 10.90 -16.82 -2.62
N GLU A 69 12.09 -17.41 -2.80
CA GLU A 69 12.17 -18.86 -2.94
C GLU A 69 11.61 -19.57 -1.71
N VAL A 70 11.82 -19.00 -0.53
CA VAL A 70 11.27 -19.58 0.70
C VAL A 70 9.75 -19.49 0.69
N HIS A 71 9.21 -18.31 0.39
CA HIS A 71 7.77 -18.12 0.43
C HIS A 71 7.06 -18.73 -0.76
N LYS A 72 7.77 -19.05 -1.84
CA LYS A 72 7.16 -19.80 -2.93
C LYS A 72 6.82 -21.22 -2.50
N ASP A 73 7.62 -21.80 -1.61
CA ASP A 73 7.33 -23.15 -1.12
C ASP A 73 6.36 -23.11 0.04
N PHE A 74 6.44 -22.06 0.88
CA PHE A 74 5.49 -21.86 1.95
C PHE A 74 4.06 -21.82 1.42
N LEU A 75 3.85 -21.04 0.34
CA LEU A 75 2.51 -20.93 -0.23
C LEU A 75 2.03 -22.27 -0.77
N ALA A 76 2.95 -23.07 -1.32
CA ALA A 76 2.58 -24.40 -1.80
C ALA A 76 2.05 -25.26 -0.66
N ALA A 77 2.79 -25.31 0.45
CA ALA A 77 2.34 -26.06 1.61
C ALA A 77 1.07 -25.47 2.21
N LEU A 78 0.90 -24.16 2.11
CA LEU A 78 -0.34 -23.52 2.56
C LEU A 78 -1.51 -23.97 1.71
N GLU A 79 -1.36 -23.89 0.38
CA GLU A 79 -2.41 -24.37 -0.52
C GLU A 79 -2.54 -25.89 -0.44
N TYR A 80 -1.46 -26.59 -0.09
CA TYR A 80 -1.48 -28.03 0.05
C TYR A 80 -2.41 -28.46 1.18
N CYS A 81 -2.25 -27.86 2.36
CA CYS A 81 -3.13 -28.20 3.48
C CYS A 81 -4.56 -27.73 3.25
N LEU A 82 -4.74 -26.60 2.56
CA LEU A 82 -6.04 -25.98 2.38
C LEU A 82 -6.68 -26.39 1.04
N HIS A 83 -6.58 -27.67 0.68
CA HIS A 83 -7.13 -28.19 -0.57
C HIS A 83 -8.32 -29.09 -0.29
N PRO A 84 -9.41 -28.98 -1.06
CA PRO A 84 -9.58 -28.12 -2.24
C PRO A 84 -9.95 -26.68 -1.89
N GLU A 85 -10.18 -26.41 -0.60
CA GLU A 85 -10.63 -25.11 -0.15
C GLU A 85 -10.18 -24.95 1.29
N PRO A 86 -10.43 -23.79 1.90
CA PRO A 86 -10.07 -23.61 3.31
C PRO A 86 -11.18 -24.27 4.13
N GLN A 87 -10.96 -25.51 4.53
CA GLN A 87 -11.90 -26.25 5.35
C GLN A 87 -11.42 -26.27 6.80
N SER A 88 -12.37 -26.32 7.73
CA SER A 88 -12.05 -26.18 9.15
C SER A 88 -11.16 -27.32 9.64
N GLN A 89 -11.41 -28.54 9.16
CA GLN A 89 -10.63 -29.68 9.62
C GLN A 89 -9.15 -29.58 9.26
N HIS A 90 -8.81 -28.69 8.33
CA HIS A 90 -7.44 -28.59 7.84
C HIS A 90 -6.53 -28.03 8.92
N GLU A 91 -5.30 -28.53 8.95
CA GLU A 91 -4.30 -28.12 9.93
C GLU A 91 -3.21 -27.31 9.25
N LEU A 92 -2.79 -26.23 9.90
CA LEU A 92 -1.78 -25.34 9.34
C LEU A 92 -0.60 -25.07 10.27
N GLY A 93 -0.62 -25.58 11.50
CA GLY A 93 0.46 -25.28 12.43
C GLY A 93 1.77 -25.91 12.04
N ASN A 94 1.72 -27.12 11.47
CA ASN A 94 2.94 -27.80 11.08
C ASN A 94 3.70 -27.05 10.00
N VAL A 95 2.98 -26.32 9.15
CA VAL A 95 3.63 -25.60 8.05
C VAL A 95 4.59 -24.55 8.59
N PHE A 96 4.11 -23.74 9.55
CA PHE A 96 4.95 -22.71 10.13
C PHE A 96 6.13 -23.30 10.89
N LEU A 97 5.94 -24.49 11.46
CA LEU A 97 6.99 -25.10 12.29
C LEU A 97 8.12 -25.64 11.43
N LYS A 98 7.80 -26.22 10.26
CA LYS A 98 8.84 -26.78 9.40
C LYS A 98 9.45 -25.74 8.48
N PHE A 99 8.94 -24.51 8.50
CA PHE A 99 9.61 -23.36 7.88
C PHE A 99 10.22 -22.42 8.91
N LYS A 100 10.16 -22.76 10.19
CA LYS A 100 10.66 -21.85 11.22
C LYS A 100 12.15 -21.59 11.08
N ASP A 101 12.90 -22.57 10.59
CA ASP A 101 14.34 -22.40 10.43
C ASP A 101 14.66 -21.68 9.12
N LYS A 102 13.82 -21.83 8.11
CA LYS A 102 14.05 -21.19 6.82
C LYS A 102 13.75 -19.70 6.85
N PHE A 103 13.09 -19.20 7.89
CA PHE A 103 12.75 -17.79 7.97
C PHE A 103 13.92 -16.92 8.44
N CYS A 104 15.07 -17.52 8.75
CA CYS A 104 16.26 -16.73 9.07
C CYS A 104 16.82 -16.01 7.86
N VAL A 105 16.20 -16.17 6.69
CA VAL A 105 16.58 -15.39 5.53
C VAL A 105 16.33 -13.91 5.77
N TYR A 106 15.42 -13.58 6.70
CA TYR A 106 15.10 -12.20 7.01
C TYR A 106 16.20 -11.50 7.79
N GLU A 107 17.22 -12.25 8.24
CA GLU A 107 18.32 -11.66 8.99
C GLU A 107 19.05 -10.60 8.15
N GLU A 108 19.56 -11.02 6.98
CA GLU A 108 20.34 -10.12 6.15
C GLU A 108 19.50 -8.96 5.63
N TYR A 109 18.26 -9.26 5.19
CA TYR A 109 17.41 -8.22 4.62
C TYR A 109 17.12 -7.12 5.66
N CYS A 110 16.70 -7.52 6.86
CA CYS A 110 16.36 -6.53 7.88
C CYS A 110 17.59 -5.76 8.35
N SER A 111 18.77 -6.37 8.25
CA SER A 111 19.99 -5.66 8.58
C SER A 111 20.28 -4.57 7.55
N ASN A 112 20.20 -4.91 6.27
CA ASN A 112 20.49 -3.99 5.18
C ASN A 112 19.37 -2.99 4.91
N HIS A 113 18.27 -3.06 5.66
CA HIS A 113 17.12 -2.22 5.33
C HIS A 113 17.45 -0.74 5.48
N GLU A 114 18.11 -0.36 6.57
CA GLU A 114 18.44 1.05 6.78
C GLU A 114 19.39 1.56 5.70
N LYS A 115 20.41 0.77 5.36
CA LYS A 115 21.33 1.18 4.31
C LYS A 115 20.62 1.35 2.98
N ALA A 116 19.65 0.48 2.68
CA ALA A 116 18.93 0.56 1.42
C ALA A 116 18.12 1.84 1.32
N LEU A 117 17.44 2.22 2.41
CA LEU A 117 16.67 3.46 2.41
C LEU A 117 17.57 4.67 2.26
N ARG A 118 18.73 4.65 2.92
CA ARG A 118 19.67 5.76 2.79
C ARG A 118 20.11 5.94 1.34
N LEU A 119 20.34 4.84 0.64
CA LEU A 119 20.67 4.91 -0.78
C LEU A 119 19.50 5.45 -1.59
N LEU A 120 18.30 4.96 -1.30
CA LEU A 120 17.12 5.36 -2.06
C LEU A 120 16.87 6.87 -1.96
N VAL A 121 17.12 7.45 -0.78
CA VAL A 121 16.91 8.88 -0.60
C VAL A 121 17.84 9.68 -1.52
N GLU A 122 19.09 9.23 -1.64
CA GLU A 122 20.03 9.93 -2.51
C GLU A 122 19.77 9.66 -3.97
N LEU A 123 19.30 8.45 -4.29
CA LEU A 123 18.99 8.13 -5.68
C LEU A 123 17.79 8.94 -6.17
N ASN A 124 16.79 9.14 -5.31
CA ASN A 124 15.62 9.92 -5.69
C ASN A 124 15.94 11.40 -5.88
N LYS A 125 17.11 11.85 -5.45
CA LYS A 125 17.51 13.22 -5.74
C LYS A 125 17.91 13.38 -7.20
N ILE A 126 18.56 12.36 -7.77
CA ILE A 126 18.90 12.34 -9.18
C ILE A 126 17.63 12.15 -9.99
N PRO A 127 17.26 13.10 -10.84
CA PRO A 127 15.99 12.96 -11.57
C PRO A 127 15.95 11.78 -12.52
N THR A 128 17.09 11.41 -13.11
CA THR A 128 17.10 10.28 -14.05
C THR A 128 16.91 8.96 -13.34
N VAL A 129 17.51 8.79 -12.16
CA VAL A 129 17.40 7.53 -11.44
C VAL A 129 16.01 7.38 -10.85
N ARG A 130 15.45 8.48 -10.33
CA ARG A 130 14.08 8.46 -9.84
C ARG A 130 13.11 8.04 -10.96
N ALA A 131 13.31 8.56 -12.16
CA ALA A 131 12.44 8.23 -13.28
C ALA A 131 12.60 6.77 -13.68
N PHE A 132 13.83 6.26 -13.70
CA PHE A 132 14.06 4.87 -14.03
C PHE A 132 13.40 3.95 -13.01
N LEU A 133 13.55 4.27 -11.72
CA LEU A 133 12.90 3.48 -10.68
C LEU A 133 11.39 3.47 -10.86
N LEU A 134 10.79 4.63 -11.11
CA LEU A 134 9.36 4.69 -11.35
C LEU A 134 8.98 4.01 -12.65
N SER A 135 9.87 4.08 -13.65
CA SER A 135 9.62 3.40 -14.91
C SER A 135 9.59 1.89 -14.73
N CYS A 136 10.36 1.36 -13.78
CA CYS A 136 10.33 -0.07 -13.53
C CYS A 136 8.98 -0.53 -13.02
N MET A 137 8.38 0.25 -12.10
CA MET A 137 7.08 -0.13 -11.56
C MET A 137 5.97 0.00 -12.60
N LEU A 138 6.09 0.96 -13.51
CA LEU A 138 5.09 1.09 -14.58
C LEU A 138 5.13 -0.10 -15.52
N LEU A 139 6.33 -0.48 -15.97
CA LEU A 139 6.45 -1.61 -16.89
C LEU A 139 6.05 -2.92 -16.22
N GLY A 140 6.32 -3.06 -14.92
CA GLY A 140 5.95 -4.25 -14.18
C GLY A 140 4.45 -4.44 -13.99
N GLY A 141 3.65 -3.43 -14.30
CA GLY A 141 2.21 -3.55 -14.23
C GLY A 141 1.58 -2.75 -13.11
N ARG A 142 2.25 -2.69 -11.96
CA ARG A 142 1.69 -2.01 -10.80
C ARG A 142 1.60 -0.51 -11.03
N LYS A 143 0.56 0.09 -10.45
CA LYS A 143 0.41 1.54 -10.54
C LYS A 143 1.50 2.25 -9.75
N THR A 144 2.00 3.34 -10.32
CA THR A 144 3.06 4.12 -9.70
C THR A 144 2.57 5.17 -8.72
N THR A 145 1.28 5.52 -8.80
CA THR A 145 0.72 6.58 -7.93
C THR A 145 0.09 5.96 -6.69
N ASP A 146 0.37 4.69 -6.40
CA ASP A 146 -0.27 4.00 -5.26
C ASP A 146 0.71 3.84 -4.10
N ILE A 147 1.52 2.78 -4.12
CA ILE A 147 2.49 2.50 -3.02
C ILE A 147 3.88 2.87 -3.50
N PRO A 148 4.69 3.63 -2.74
CA PRO A 148 6.07 3.92 -3.16
C PRO A 148 6.98 2.72 -2.94
N LEU A 149 8.15 2.78 -3.59
CA LEU A 149 9.13 1.71 -3.45
C LEU A 149 9.61 1.58 -2.01
N GLU A 150 9.65 2.68 -1.26
CA GLU A 150 9.96 2.61 0.17
C GLU A 150 9.01 1.64 0.86
N GLY A 151 7.73 1.65 0.49
CA GLY A 151 6.78 0.74 1.07
C GLY A 151 6.97 -0.69 0.58
N TYR A 152 7.32 -0.86 -0.70
CA TYR A 152 7.60 -2.19 -1.22
C TYR A 152 8.82 -2.80 -0.55
N LEU A 153 9.86 -1.99 -0.30
CA LEU A 153 11.05 -2.50 0.35
C LEU A 153 10.79 -2.91 1.79
N LEU A 154 9.69 -2.45 2.38
CA LEU A 154 9.38 -2.71 3.78
C LEU A 154 8.42 -3.87 3.98
N SER A 155 7.63 -4.21 2.96
CA SER A 155 6.62 -5.26 3.06
C SER A 155 7.15 -6.61 3.56
N PRO A 156 8.41 -6.99 3.28
CA PRO A 156 8.95 -8.18 3.95
C PRO A 156 8.98 -8.06 5.47
N ILE A 157 9.40 -6.90 5.99
CA ILE A 157 9.39 -6.71 7.43
C ILE A 157 7.97 -6.73 7.97
N GLN A 158 7.04 -6.16 7.20
CA GLN A 158 5.64 -6.17 7.65
C GLN A 158 5.08 -7.58 7.66
N ARG A 159 5.36 -8.36 6.62
CA ARG A 159 4.73 -9.68 6.48
C ARG A 159 5.17 -10.62 7.59
N ILE A 160 6.47 -10.69 7.84
CA ILE A 160 6.98 -11.58 8.89
C ILE A 160 6.41 -11.19 10.25
N CYS A 161 6.01 -9.92 10.41
CA CYS A 161 5.38 -9.49 11.65
C CYS A 161 3.88 -9.73 11.65
N LYS A 162 3.27 -9.90 10.49
CA LYS A 162 1.85 -10.22 10.41
C LYS A 162 1.55 -11.68 10.74
N TYR A 163 2.58 -12.53 10.76
CA TYR A 163 2.34 -13.96 11.01
C TYR A 163 1.94 -14.21 12.47
N PRO A 164 2.64 -13.70 13.49
CA PRO A 164 2.14 -13.89 14.86
C PRO A 164 0.74 -13.33 15.06
N LEU A 165 0.44 -12.19 14.44
CA LEU A 165 -0.88 -11.59 14.57
C LEU A 165 -1.95 -12.50 13.96
N LEU A 166 -1.62 -13.17 12.86
CA LEU A 166 -2.57 -14.09 12.23
C LEU A 166 -2.70 -15.39 13.02
N LEU A 167 -1.57 -15.92 13.51
CA LEU A 167 -1.60 -17.18 14.23
C LEU A 167 -2.33 -17.04 15.56
N LYS A 168 -2.15 -15.91 16.25
CA LYS A 168 -2.88 -15.64 17.47
C LYS A 168 -4.38 -15.78 17.24
N GLU A 169 -4.89 -15.10 16.22
CA GLU A 169 -6.32 -15.15 15.92
C GLU A 169 -6.76 -16.57 15.55
N LEU A 170 -5.92 -17.28 14.81
CA LEU A 170 -6.24 -18.67 14.47
C LEU A 170 -6.30 -19.55 15.71
N ALA A 171 -5.36 -19.34 16.64
CA ALA A 171 -5.37 -20.09 17.89
C ALA A 171 -6.63 -19.84 18.69
N LYS A 172 -7.14 -18.60 18.64
CA LYS A 172 -8.38 -18.29 19.35
C LYS A 172 -9.56 -19.05 18.75
N ARG A 173 -9.60 -19.18 17.43
CA ARG A 173 -10.68 -19.86 16.74
C ARG A 173 -10.43 -21.36 16.60
N THR A 174 -9.35 -21.86 17.19
CA THR A 174 -9.03 -23.28 17.17
C THR A 174 -9.23 -23.87 18.55
N PRO A 175 -10.17 -24.79 18.74
CA PRO A 175 -10.40 -25.37 20.06
C PRO A 175 -9.28 -26.33 20.46
N GLY A 176 -9.25 -26.65 21.75
CA GLY A 176 -8.33 -27.65 22.24
C GLY A 176 -8.61 -29.04 21.72
N LYS A 177 -9.82 -29.28 21.23
CA LYS A 177 -10.15 -30.57 20.64
C LYS A 177 -9.45 -30.76 19.30
N HIS A 178 -9.36 -29.70 18.50
CA HIS A 178 -8.77 -29.81 17.17
C HIS A 178 -7.32 -30.28 17.28
N PRO A 179 -6.89 -31.24 16.46
CA PRO A 179 -5.50 -31.71 16.55
C PRO A 179 -4.46 -30.63 16.25
N ASP A 180 -4.85 -29.57 15.55
CA ASP A 180 -3.93 -28.50 15.23
C ASP A 180 -3.63 -27.60 16.43
N HIS A 181 -4.35 -27.76 17.53
CA HIS A 181 -4.17 -26.89 18.69
C HIS A 181 -2.76 -26.91 19.25
N PRO A 182 -2.14 -28.06 19.54
CA PRO A 182 -0.75 -28.03 20.02
C PRO A 182 0.22 -27.44 19.00
N ALA A 183 -0.08 -27.55 17.71
CA ALA A 183 0.82 -27.05 16.68
C ALA A 183 0.68 -25.55 16.50
N VAL A 184 -0.57 -25.05 16.44
CA VAL A 184 -0.80 -23.62 16.27
C VAL A 184 -0.20 -22.84 17.41
N GLN A 185 -0.35 -23.33 18.64
CA GLN A 185 0.25 -22.64 19.78
C GLN A 185 1.77 -22.72 19.75
N SER A 186 2.32 -23.88 19.34
CA SER A 186 3.77 -24.02 19.24
C SER A 186 4.31 -23.15 18.12
N ALA A 187 3.58 -23.03 17.01
CA ALA A 187 4.04 -22.22 15.89
C ALA A 187 3.98 -20.73 16.24
N LEU A 188 2.94 -20.31 16.97
CA LEU A 188 2.84 -18.92 17.40
C LEU A 188 4.04 -18.53 18.25
N GLN A 189 4.42 -19.40 19.20
CA GLN A 189 5.58 -19.13 20.03
C GLN A 189 6.85 -19.06 19.19
N ALA A 190 6.96 -19.91 18.18
CA ALA A 190 8.14 -19.91 17.33
C ALA A 190 8.20 -18.66 16.46
N MET A 191 7.06 -18.28 15.86
CA MET A 191 7.04 -17.09 15.00
C MET A 191 7.37 -15.84 15.80
N LYS A 192 6.94 -15.78 17.07
CA LYS A 192 7.28 -14.65 17.92
C LYS A 192 8.77 -14.59 18.18
N THR A 193 9.39 -15.73 18.49
CA THR A 193 10.83 -15.76 18.75
C THR A 193 11.63 -15.40 17.50
N VAL A 194 11.09 -15.68 16.32
CA VAL A 194 11.75 -15.27 15.08
C VAL A 194 11.81 -13.75 15.00
N CYS A 195 10.66 -13.10 15.15
CA CYS A 195 10.61 -11.64 15.06
C CYS A 195 11.39 -10.99 16.20
N SER A 196 11.38 -11.61 17.38
CA SER A 196 12.05 -11.02 18.54
C SER A 196 13.56 -11.01 18.37
N ASN A 197 14.12 -12.00 17.66
CA ASN A 197 15.57 -12.05 17.47
C ASN A 197 16.05 -10.92 16.57
N ILE A 198 15.35 -10.69 15.45
CA ILE A 198 15.73 -9.63 14.53
C ILE A 198 15.34 -8.29 15.15
N ASN A 199 16.28 -7.35 15.16
CA ASN A 199 16.02 -6.06 15.79
C ASN A 199 14.98 -5.26 15.00
N GLU A 200 15.11 -5.23 13.68
CA GLU A 200 14.22 -4.43 12.86
C GLU A 200 12.78 -4.91 12.96
N THR A 201 12.58 -6.23 13.00
CA THR A 201 11.23 -6.76 13.15
C THR A 201 10.71 -6.61 14.58
N LYS A 202 11.61 -6.62 15.57
CA LYS A 202 11.20 -6.42 16.95
C LYS A 202 10.56 -5.06 17.15
N ARG A 203 11.14 -4.01 16.56
CA ARG A 203 10.55 -2.69 16.62
C ARG A 203 9.20 -2.67 15.91
N GLN A 204 9.07 -3.42 14.81
CA GLN A 204 7.81 -3.44 14.08
C GLN A 204 6.73 -4.19 14.86
N MET A 205 7.10 -5.32 15.47
CA MET A 205 6.13 -6.11 16.22
C MET A 205 5.56 -5.33 17.40
N GLU A 206 6.42 -4.60 18.11
CA GLU A 206 5.98 -3.81 19.26
C GLU A 206 5.12 -2.64 18.83
N LYS A 207 5.29 -2.17 17.58
CA LYS A 207 4.41 -1.13 17.06
C LYS A 207 3.05 -1.69 16.67
N LEU A 208 3.02 -2.95 16.20
CA LEU A 208 1.75 -3.60 15.88
C LEU A 208 1.05 -4.07 17.15
N GLU A 209 1.82 -4.53 18.14
CA GLU A 209 1.24 -4.90 19.43
C GLU A 209 0.46 -3.76 20.05
N ALA A 210 1.00 -2.54 19.95
CA ALA A 210 0.33 -1.37 20.51
C ALA A 210 -1.02 -1.14 19.85
N LEU A 211 -1.07 -1.23 18.52
CA LEU A 211 -2.33 -1.02 17.81
C LEU A 211 -3.37 -2.06 18.21
N GLU A 212 -2.94 -3.31 18.43
CA GLU A 212 -3.88 -4.37 18.76
C GLU A 212 -4.25 -4.33 20.25
N GLN A 213 -3.30 -3.97 21.11
CA GLN A 213 -3.61 -3.81 22.53
C GLN A 213 -4.70 -2.76 22.72
N LEU A 214 -4.59 -1.62 22.03
CA LEU A 214 -5.60 -0.57 22.12
C LEU A 214 -6.95 -1.07 21.61
N GLN A 215 -6.94 -1.80 20.50
CA GLN A 215 -8.20 -2.30 19.92
C GLN A 215 -8.86 -3.31 20.85
N SER A 216 -8.09 -3.98 21.70
CA SER A 216 -8.66 -4.93 22.65
C SER A 216 -9.31 -4.23 23.83
N HIS A 217 -8.81 -3.05 24.20
CA HIS A 217 -9.41 -2.24 25.26
C HIS A 217 -10.61 -1.43 24.79
N ILE A 218 -11.06 -1.63 23.56
CA ILE A 218 -12.22 -0.95 23.00
C ILE A 218 -13.29 -1.99 22.71
N GLU A 219 -14.49 -1.78 23.24
CA GLU A 219 -15.59 -2.72 23.08
C GLU A 219 -16.47 -2.29 21.91
N GLY A 220 -16.92 -3.29 21.14
CA GLY A 220 -17.80 -3.03 20.02
C GLY A 220 -17.13 -2.46 18.80
N TRP A 221 -15.90 -2.89 18.52
CA TRP A 221 -15.15 -2.34 17.40
C TRP A 221 -15.83 -2.67 16.07
N GLU A 222 -15.95 -1.66 15.21
CA GLU A 222 -16.51 -1.81 13.88
C GLU A 222 -15.50 -1.31 12.87
N GLY A 223 -15.35 -2.06 11.78
CA GLY A 223 -14.47 -1.67 10.68
C GLY A 223 -13.22 -2.52 10.61
N SER A 224 -12.30 -2.08 9.74
CA SER A 224 -11.05 -2.79 9.54
C SER A 224 -10.13 -2.62 10.74
N ASN A 225 -9.36 -3.66 11.04
CA ASN A 225 -8.45 -3.64 12.17
C ASN A 225 -7.39 -2.56 11.99
N LEU A 226 -6.97 -1.97 13.12
CA LEU A 226 -5.97 -0.91 13.07
C LEU A 226 -4.66 -1.41 12.48
N THR A 227 -4.28 -2.66 12.80
CA THR A 227 -3.05 -3.22 12.28
C THR A 227 -3.06 -3.37 10.76
N ASP A 228 -4.21 -3.18 10.12
CA ASP A 228 -4.32 -3.29 8.66
C ASP A 228 -4.45 -1.94 7.96
N ILE A 229 -4.62 -0.84 8.70
CA ILE A 229 -4.88 0.46 8.08
C ILE A 229 -3.94 1.53 8.63
N CYS A 230 -3.52 1.38 9.88
CA CYS A 230 -2.67 2.35 10.56
C CYS A 230 -1.32 1.74 10.88
N THR A 231 -0.42 2.59 11.39
CA THR A 231 0.90 2.15 11.81
C THR A 231 1.21 2.59 13.23
N GLN A 232 0.66 3.73 13.64
CA GLN A 232 1.00 4.30 14.94
C GLN A 232 -0.11 5.23 15.40
N LEU A 233 -0.24 5.34 16.72
CA LEU A 233 -1.16 6.30 17.31
C LEU A 233 -0.48 7.67 17.40
N LEU A 234 -1.16 8.69 16.88
CA LEU A 234 -0.56 10.02 16.82
C LEU A 234 -0.87 10.83 18.08
N LEU A 235 -2.14 10.88 18.48
CA LEU A 235 -2.54 11.65 19.65
C LEU A 235 -3.80 11.05 20.24
N GLN A 236 -3.83 10.93 21.57
CA GLN A 236 -5.00 10.48 22.29
C GLN A 236 -5.40 11.55 23.30
N GLY A 237 -6.71 11.70 23.51
CA GLY A 237 -7.21 12.69 24.44
C GLY A 237 -8.72 12.65 24.49
N THR A 238 -9.24 13.25 25.56
CA THR A 238 -10.68 13.33 25.79
C THR A 238 -11.18 14.72 25.42
N LEU A 239 -12.21 14.78 24.60
CA LEU A 239 -12.77 16.05 24.14
C LEU A 239 -14.29 15.99 24.23
N LEU A 240 -14.93 17.09 23.88
CA LEU A 240 -16.38 17.21 23.84
C LEU A 240 -16.88 17.17 22.41
N LYS A 241 -17.67 16.15 22.09
CA LYS A 241 -18.29 16.03 20.77
C LYS A 241 -19.66 16.69 20.82
N ILE A 242 -19.71 17.96 20.44
CA ILE A 242 -20.98 18.67 20.33
C ILE A 242 -21.61 18.33 18.97
N SER A 243 -22.02 17.08 18.81
CA SER A 243 -22.79 16.70 17.64
C SER A 243 -24.23 17.14 17.79
N ALA A 244 -24.96 17.12 16.68
CA ALA A 244 -26.35 17.55 16.68
C ALA A 244 -27.18 16.70 17.63
N GLY A 245 -27.72 17.33 18.67
CA GLY A 245 -28.52 16.64 19.66
C GLY A 245 -27.75 15.73 20.59
N ASN A 246 -26.43 15.67 20.48
CA ASN A 246 -25.61 14.80 21.33
C ASN A 246 -24.37 15.59 21.76
N ILE A 247 -24.45 16.22 22.93
CA ILE A 247 -23.29 16.84 23.55
C ILE A 247 -22.85 15.91 24.67
N GLN A 248 -21.87 15.06 24.36
CA GLN A 248 -21.32 14.09 25.29
C GLN A 248 -19.81 14.09 25.17
N GLU A 249 -19.14 13.80 26.28
CA GLU A 249 -17.68 13.75 26.28
C GLU A 249 -17.21 12.45 25.64
N ARG A 250 -16.26 12.54 24.73
CA ARG A 250 -15.76 11.39 24.01
C ARG A 250 -14.24 11.33 24.10
N ALA A 251 -13.70 10.12 24.01
CA ALA A 251 -12.26 9.90 23.99
C ALA A 251 -11.83 9.70 22.54
N PHE A 252 -11.08 10.67 22.00
CA PHE A 252 -10.67 10.65 20.61
C PHE A 252 -9.29 10.05 20.47
N PHE A 253 -9.10 9.24 19.43
CA PHE A 253 -7.80 8.68 19.07
C PHE A 253 -7.50 9.02 17.63
N LEU A 254 -6.36 9.67 17.39
CA LEU A 254 -5.89 10.00 16.05
C LEU A 254 -4.73 9.07 15.72
N PHE A 255 -4.95 8.19 14.75
CA PHE A 255 -3.90 7.40 14.15
C PHE A 255 -3.50 8.02 12.81
N ASP A 256 -2.53 7.42 12.16
CA ASP A 256 -2.30 7.74 10.75
C ASP A 256 -3.38 7.07 9.93
N ASN A 257 -4.10 7.86 9.13
CA ASN A 257 -5.14 7.48 8.18
C ASN A 257 -6.51 7.28 8.83
N LEU A 258 -6.63 7.34 10.16
CA LEU A 258 -7.92 7.09 10.80
C LEU A 258 -8.04 7.85 12.11
N LEU A 259 -9.24 8.37 12.36
CA LEU A 259 -9.61 8.94 13.66
C LEU A 259 -10.82 8.20 14.18
N VAL A 260 -10.80 7.88 15.47
CA VAL A 260 -11.89 7.14 16.10
C VAL A 260 -12.24 7.81 17.43
N TYR A 261 -13.53 8.02 17.67
CA TYR A 261 -14.03 8.58 18.92
C TYR A 261 -14.80 7.51 19.69
N CYS A 262 -14.47 7.36 20.97
CA CYS A 262 -15.02 6.31 21.81
C CYS A 262 -15.70 6.90 23.04
N LYS A 263 -16.42 6.04 23.75
CA LYS A 263 -17.11 6.42 24.98
C LYS A 263 -16.35 5.83 26.16
N ARG A 264 -15.67 6.69 26.91
CA ARG A 264 -14.90 6.24 28.07
C ARG A 264 -15.81 5.69 29.15
N LYS A 265 -15.48 4.49 29.64
CA LYS A 265 -16.26 3.86 30.71
C LYS A 265 -15.34 3.29 31.79
N LEU A 428 -10.67 1.60 29.94
CA LEU A 428 -11.28 0.95 28.77
C LEU A 428 -12.31 1.87 28.12
N TYR A 429 -12.59 1.61 26.85
CA TYR A 429 -13.47 2.47 26.07
C TYR A 429 -14.50 1.62 25.34
N ILE A 430 -15.52 2.29 24.83
CA ILE A 430 -16.58 1.67 24.03
C ILE A 430 -16.64 2.40 22.70
N PHE A 431 -16.58 1.64 21.61
CA PHE A 431 -16.58 2.23 20.28
C PHE A 431 -17.85 3.03 20.03
N ARG A 432 -17.67 4.24 19.49
CA ARG A 432 -18.80 5.09 19.13
C ARG A 432 -18.83 5.38 17.64
N GLY A 433 -17.70 5.74 17.05
CA GLY A 433 -17.62 5.99 15.62
C GLY A 433 -16.18 6.22 15.22
N ARG A 434 -15.95 6.18 13.91
CA ARG A 434 -14.62 6.39 13.36
C ARG A 434 -14.73 7.14 12.04
N ILE A 435 -13.68 7.87 11.70
CA ILE A 435 -13.62 8.64 10.46
C ILE A 435 -12.28 8.38 9.80
N ASN A 436 -12.32 8.17 8.49
CA ASN A 436 -11.11 8.09 7.70
C ASN A 436 -10.58 9.50 7.48
N THR A 437 -9.31 9.73 7.85
CA THR A 437 -8.77 11.09 7.78
C THR A 437 -8.83 11.66 6.37
N GLU A 438 -8.94 10.81 5.36
CA GLU A 438 -9.00 11.29 3.98
C GLU A 438 -10.27 12.10 3.74
N VAL A 439 -11.39 11.70 4.34
CA VAL A 439 -12.66 12.42 4.18
C VAL A 439 -12.87 13.45 5.27
N MET A 440 -11.90 13.65 6.15
CA MET A 440 -12.04 14.56 7.28
C MET A 440 -11.45 15.92 6.93
N GLU A 441 -12.20 16.97 7.25
CA GLU A 441 -11.78 18.34 6.98
C GLU A 441 -12.06 19.17 8.22
N VAL A 442 -11.03 19.78 8.78
CA VAL A 442 -11.15 20.51 10.03
C VAL A 442 -11.26 22.01 9.74
N GLU A 443 -11.83 22.73 10.71
CA GLU A 443 -11.97 24.18 10.64
C GLU A 443 -11.95 24.73 12.05
N ASN A 444 -11.19 25.80 12.26
CA ASN A 444 -11.13 26.42 13.57
C ASN A 444 -12.36 27.28 13.80
N VAL A 445 -12.79 27.35 15.06
CA VAL A 445 -13.83 28.27 15.51
C VAL A 445 -13.24 29.12 16.62
N GLU A 446 -13.28 30.44 16.43
CA GLU A 446 -12.69 31.35 17.39
C GLU A 446 -13.42 31.25 18.73
N ASP A 447 -12.66 31.41 19.82
CA ASP A 447 -13.24 31.34 21.16
C ASP A 447 -14.30 32.41 21.32
N GLY A 448 -15.52 31.99 21.66
CA GLY A 448 -16.66 32.89 21.75
C GLY A 448 -17.69 32.70 20.66
N THR A 449 -17.36 31.96 19.60
CA THR A 449 -18.29 31.76 18.50
C THR A 449 -19.42 30.83 18.92
N ALA A 450 -20.62 31.08 18.37
CA ALA A 450 -21.79 30.25 18.60
C ALA A 450 -22.54 30.08 17.29
N ASP A 451 -22.67 28.83 16.84
CA ASP A 451 -23.33 28.53 15.57
C ASP A 451 -24.16 27.26 15.72
N TYR A 452 -24.73 26.82 14.59
CA TYR A 452 -25.61 25.66 14.61
C TYR A 452 -24.86 24.38 14.93
N HIS A 453 -23.63 24.25 14.41
CA HIS A 453 -22.85 23.05 14.65
C HIS A 453 -22.50 22.87 16.13
N SER A 454 -22.54 23.94 16.91
CA SER A 454 -22.29 23.87 18.34
C SER A 454 -23.58 23.76 19.14
N ASN A 455 -24.70 23.45 18.49
CA ASN A 455 -26.02 23.36 19.12
C ASN A 455 -26.42 24.66 19.80
N GLY A 456 -25.83 25.79 19.39
CA GLY A 456 -26.13 27.07 19.99
C GLY A 456 -25.25 27.47 21.15
N TYR A 457 -24.40 26.58 21.64
CA TYR A 457 -23.53 26.87 22.77
C TYR A 457 -22.28 27.63 22.32
N THR A 458 -21.75 28.44 23.22
CA THR A 458 -20.55 29.22 22.95
C THR A 458 -19.33 28.29 22.99
N VAL A 459 -18.48 28.40 21.98
CA VAL A 459 -17.32 27.53 21.81
C VAL A 459 -16.09 28.22 22.34
N THR A 460 -15.31 27.50 23.16
CA THR A 460 -14.03 27.99 23.67
C THR A 460 -13.04 26.83 23.62
N ASN A 461 -11.85 27.10 23.10
CA ASN A 461 -10.80 26.09 22.93
C ASN A 461 -11.31 24.90 22.12
N GLY A 462 -11.97 25.21 21.00
CA GLY A 462 -12.56 24.18 20.17
C GLY A 462 -12.35 24.44 18.70
N TRP A 463 -12.66 23.41 17.92
CA TRP A 463 -12.57 23.45 16.47
C TRP A 463 -13.76 22.68 15.90
N LYS A 464 -13.75 22.47 14.58
CA LYS A 464 -14.88 21.87 13.89
C LYS A 464 -14.37 20.80 12.93
N ILE A 465 -15.11 19.68 12.85
CA ILE A 465 -14.75 18.55 12.01
C ILE A 465 -15.83 18.37 10.97
N HIS A 466 -15.45 17.95 9.76
CA HIS A 466 -16.40 17.79 8.66
C HIS A 466 -16.14 16.45 7.97
N ASN A 467 -17.09 15.54 8.08
CA ASN A 467 -17.06 14.27 7.35
C ASN A 467 -17.58 14.55 5.95
N THR A 468 -16.65 14.87 5.03
CA THR A 468 -17.03 15.21 3.67
C THR A 468 -17.68 14.06 2.94
N ALA A 469 -17.58 12.83 3.45
CA ALA A 469 -18.29 11.71 2.85
C ALA A 469 -19.79 11.79 3.14
N LYS A 470 -20.14 12.13 4.38
CA LYS A 470 -21.53 12.26 4.79
C LYS A 470 -22.00 13.71 4.82
N ASN A 471 -21.11 14.67 4.55
CA ASN A 471 -21.41 16.09 4.63
C ASN A 471 -21.92 16.46 6.02
N LYS A 472 -21.31 15.86 7.04
CA LYS A 472 -21.71 16.03 8.44
C LYS A 472 -20.63 16.80 9.19
N TRP A 473 -21.05 17.77 9.98
CA TRP A 473 -20.15 18.58 10.80
C TRP A 473 -20.41 18.28 12.28
N PHE A 474 -19.34 18.23 13.06
CA PHE A 474 -19.46 18.13 14.51
C PHE A 474 -18.31 18.87 15.16
N VAL A 475 -18.58 19.45 16.33
CA VAL A 475 -17.67 20.39 16.98
C VAL A 475 -16.96 19.67 18.13
N CYS A 476 -15.64 19.84 18.20
CA CYS A 476 -14.83 19.34 19.29
C CYS A 476 -14.34 20.51 20.15
N MET A 477 -14.28 20.30 21.46
CA MET A 477 -13.81 21.31 22.40
C MET A 477 -12.88 20.68 23.42
N ALA A 478 -11.79 21.38 23.73
CA ALA A 478 -10.79 20.88 24.65
C ALA A 478 -10.81 21.68 25.94
N LYS A 479 -10.19 21.12 26.98
CA LYS A 479 -10.12 21.80 28.26
C LYS A 479 -9.26 23.06 28.16
N THR A 480 -8.01 22.88 27.75
CA THR A 480 -7.06 23.97 27.62
C THR A 480 -6.88 24.36 26.16
N ALA A 481 -6.37 25.58 25.95
CA ALA A 481 -6.00 26.03 24.62
C ALA A 481 -4.71 25.39 24.13
N GLU A 482 -3.86 24.91 25.06
CA GLU A 482 -2.71 24.11 24.66
C GLU A 482 -3.16 22.81 24.00
N GLU A 483 -4.15 22.14 24.60
CA GLU A 483 -4.65 20.89 24.03
C GLU A 483 -5.27 21.12 22.66
N LYS A 484 -6.02 22.21 22.51
CA LYS A 484 -6.58 22.57 21.20
C LYS A 484 -5.48 22.67 20.16
N GLN A 485 -4.42 23.40 20.48
CA GLN A 485 -3.30 23.51 19.55
C GLN A 485 -2.59 22.17 19.37
N LYS A 486 -2.41 21.43 20.46
CA LYS A 486 -1.81 20.11 20.38
C LYS A 486 -2.58 19.21 19.42
N TRP A 487 -3.91 19.30 19.44
CA TRP A 487 -4.72 18.50 18.54
C TRP A 487 -4.67 19.04 17.12
N LEU A 488 -5.01 20.33 16.96
CA LEU A 488 -5.03 20.92 15.63
C LEU A 488 -3.68 20.79 14.93
N ASP A 489 -2.58 20.83 15.68
CA ASP A 489 -1.27 20.67 15.07
C ASP A 489 -1.08 19.23 14.58
N ALA A 490 -1.44 18.26 15.41
CA ALA A 490 -1.31 16.86 15.02
C ALA A 490 -2.21 16.50 13.85
N ILE A 491 -3.38 17.13 13.76
CA ILE A 491 -4.29 16.83 12.66
C ILE A 491 -3.75 17.37 11.34
N ILE A 492 -3.20 18.59 11.37
CA ILE A 492 -2.64 19.18 10.16
C ILE A 492 -1.45 18.40 9.66
N ARG A 493 -0.61 17.93 10.59
CA ARG A 493 0.57 17.17 10.20
C ARG A 493 0.18 15.93 9.40
N GLU A 494 -0.72 15.11 9.94
CA GLU A 494 -1.14 13.89 9.25
C GLU A 494 -1.63 14.19 7.84
N ARG A 495 -2.45 15.23 7.69
CA ARG A 495 -2.94 15.61 6.36
C ARG A 495 -1.77 15.92 5.43
N GLU A 496 -0.90 16.84 5.84
CA GLU A 496 0.21 17.25 5.00
C GLU A 496 1.14 16.09 4.68
N GLN A 497 1.41 15.23 5.67
CA GLN A 497 2.32 14.11 5.46
C GLN A 497 1.80 13.17 4.36
N ARG A 498 0.52 12.80 4.43
CA ARG A 498 -0.01 11.87 3.43
C ARG A 498 -0.35 12.58 2.13
N GLU A 499 -0.80 13.84 2.20
CA GLU A 499 -1.11 14.57 0.99
C GLU A 499 0.15 14.95 0.21
N SER A 500 1.26 15.21 0.90
CA SER A 500 2.51 15.49 0.22
C SER A 500 3.04 14.24 -0.49
N LEU A 501 3.00 13.10 0.20
CA LEU A 501 3.42 11.85 -0.42
C LEU A 501 2.59 11.55 -1.67
N LYS A 502 1.27 11.60 -1.54
CA LYS A 502 0.40 11.24 -2.65
C LYS A 502 0.61 12.18 -3.83
N LEU A 503 0.53 13.49 -3.59
CA LEU A 503 0.75 14.45 -4.66
C LEU A 503 2.18 14.37 -5.20
N GLY A 504 3.14 14.02 -4.35
CA GLY A 504 4.52 13.92 -4.80
C GLY A 504 4.75 12.75 -5.74
N MET A 505 4.21 11.58 -5.38
CA MET A 505 4.29 10.42 -6.27
C MET A 505 3.55 10.67 -7.57
N GLU A 506 2.49 11.47 -7.53
CA GLU A 506 1.69 11.74 -8.71
C GLU A 506 2.31 12.81 -9.59
N ARG A 507 3.20 13.65 -9.03
CA ARG A 507 3.94 14.59 -9.84
C ARG A 507 5.17 13.92 -10.45
N ASP A 508 5.93 13.18 -9.65
CA ASP A 508 7.13 12.50 -10.12
C ASP A 508 6.82 11.40 -11.14
N ALA A 509 5.55 11.02 -11.29
CA ALA A 509 5.15 10.04 -12.28
C ALA A 509 4.72 10.66 -13.60
N TYR A 510 4.17 11.87 -13.58
CA TYR A 510 3.85 12.55 -14.83
C TYR A 510 5.11 12.97 -15.57
N VAL A 511 6.17 13.31 -14.85
CA VAL A 511 7.39 13.79 -15.49
C VAL A 511 8.08 12.67 -16.26
N MET A 512 8.01 11.43 -15.77
CA MET A 512 8.66 10.35 -16.47
C MET A 512 7.90 9.96 -17.74
N ILE A 513 6.56 10.02 -17.69
CA ILE A 513 5.76 9.69 -18.86
C ILE A 513 5.91 10.77 -19.92
N ALA A 514 5.89 12.04 -19.50
CA ALA A 514 6.11 13.13 -20.45
C ALA A 514 7.50 13.04 -21.05
N GLU A 515 8.50 12.68 -20.24
CA GLU A 515 9.86 12.52 -20.75
C GLU A 515 9.93 11.34 -21.73
N LYS A 516 9.46 10.16 -21.30
CA LYS A 516 9.49 8.99 -22.18
C LYS A 516 8.60 9.19 -23.39
N GLY A 517 7.51 9.95 -23.25
CA GLY A 517 6.65 10.23 -24.39
C GLY A 517 7.34 11.06 -25.44
N GLU A 518 7.94 12.18 -25.02
CA GLU A 518 8.68 13.02 -25.96
C GLU A 518 9.89 12.28 -26.52
N LYS A 519 10.55 11.47 -25.70
CA LYS A 519 11.74 10.75 -26.16
C LYS A 519 11.39 9.74 -27.24
N LEU A 520 10.49 8.81 -26.92
CA LEU A 520 10.09 7.77 -27.88
C LEU A 520 9.46 8.37 -29.12
N TYR A 521 8.95 9.60 -29.04
CA TYR A 521 8.41 10.28 -30.22
C TYR A 521 9.52 10.62 -31.20
N HIS A 522 10.56 11.32 -30.73
CA HIS A 522 11.67 11.67 -31.61
C HIS A 522 12.42 10.42 -32.05
N MET A 523 12.57 9.45 -31.16
CA MET A 523 13.22 8.20 -31.51
C MET A 523 12.47 7.48 -32.62
N MET A 524 11.14 7.60 -32.65
CA MET A 524 10.32 7.00 -33.69
C MET A 524 10.23 7.84 -34.95
N MET A 525 10.55 9.13 -34.87
CA MET A 525 10.47 10.00 -36.03
C MET A 525 11.64 9.82 -36.99
N ASN A 526 12.78 9.33 -36.51
CA ASN A 526 13.90 9.09 -37.40
C ASN A 526 13.56 7.99 -38.41
N LYS A 527 14.14 8.12 -39.61
CA LYS A 527 13.83 7.19 -40.69
C LYS A 527 14.52 5.85 -40.52
N LYS A 528 15.36 5.71 -39.49
CA LYS A 528 15.96 4.41 -39.18
C LYS A 528 14.89 3.37 -38.88
N VAL A 529 13.87 3.77 -38.12
CA VAL A 529 12.72 2.91 -37.85
C VAL A 529 11.45 3.75 -37.96
N ASN A 530 11.14 4.20 -39.17
CA ASN A 530 9.94 5.02 -39.38
C ASN A 530 8.69 4.17 -39.12
N LEU A 531 7.93 4.55 -38.09
CA LEU A 531 6.72 3.83 -37.71
C LEU A 531 5.46 4.66 -37.78
N ILE A 532 5.57 5.99 -37.70
CA ILE A 532 4.40 6.86 -37.78
C ILE A 532 4.23 7.21 -39.25
N LYS A 533 3.63 6.28 -39.99
CA LYS A 533 3.42 6.42 -41.42
C LYS A 533 1.94 6.63 -41.70
N ASP A 534 1.63 7.52 -42.65
CA ASP A 534 0.24 7.74 -43.05
C ASP A 534 -0.29 6.48 -43.74
N ARG A 535 -1.25 5.82 -43.12
CA ARG A 535 -1.81 4.57 -43.61
C ARG A 535 -3.22 4.81 -44.14
N ARG A 536 -3.94 3.73 -44.40
CA ARG A 536 -5.32 3.83 -44.88
C ARG A 536 -6.20 2.75 -44.26
N SER A 540 -10.30 5.16 -46.32
CA SER A 540 -9.93 6.49 -45.85
C SER A 540 -8.54 6.49 -45.23
N THR A 541 -7.77 7.53 -45.51
CA THR A 541 -6.40 7.61 -45.03
C THR A 541 -6.35 8.15 -43.61
N VAL A 542 -5.48 7.58 -42.80
CA VAL A 542 -5.25 7.98 -41.42
C VAL A 542 -3.84 8.56 -41.32
N PRO A 543 -3.69 9.85 -41.03
CA PRO A 543 -2.37 10.49 -41.08
C PRO A 543 -1.53 10.33 -39.83
N LYS A 544 -0.23 10.09 -40.05
CA LYS A 544 0.79 10.10 -39.00
C LYS A 544 0.44 9.14 -37.86
N CYS A 545 0.00 7.94 -38.23
CA CYS A 545 -0.37 6.94 -37.24
C CYS A 545 0.67 5.81 -37.23
N PHE A 546 0.81 5.18 -36.08
CA PHE A 546 1.63 4.00 -35.91
C PHE A 546 0.77 2.85 -35.42
N LEU A 547 1.34 1.65 -35.41
CA LEU A 547 0.64 0.44 -35.03
C LEU A 547 1.11 -0.03 -33.67
N GLY A 548 0.17 -0.49 -32.85
CA GLY A 548 0.53 -1.00 -31.54
C GLY A 548 1.41 -2.23 -31.62
N ASN A 549 1.13 -3.13 -32.58
CA ASN A 549 1.96 -4.31 -32.76
C ASN A 549 3.39 -3.93 -33.10
N GLU A 550 3.56 -2.98 -34.03
CA GLU A 550 4.90 -2.54 -34.41
C GLU A 550 5.58 -1.82 -33.26
N PHE A 551 4.86 -0.94 -32.57
CA PHE A 551 5.43 -0.17 -31.47
C PHE A 551 5.98 -1.08 -30.38
N VAL A 552 5.17 -2.05 -29.93
CA VAL A 552 5.62 -2.96 -28.89
C VAL A 552 6.84 -3.75 -29.35
N ALA A 553 6.85 -4.18 -30.62
CA ALA A 553 7.97 -4.95 -31.13
C ALA A 553 9.24 -4.11 -31.21
N TRP A 554 9.11 -2.87 -31.67
CA TRP A 554 10.27 -1.99 -31.76
C TRP A 554 10.85 -1.69 -30.38
N LEU A 555 10.00 -1.60 -29.36
CA LEU A 555 10.49 -1.39 -28.00
C LEU A 555 11.38 -2.53 -27.56
N LEU A 556 11.00 -3.77 -27.86
CA LEU A 556 11.82 -4.91 -27.45
C LEU A 556 13.11 -4.97 -28.27
N GLU A 557 13.03 -4.68 -29.57
CA GLU A 557 14.23 -4.63 -30.41
C GLU A 557 15.23 -3.60 -29.88
N ILE A 558 14.77 -2.36 -29.70
CA ILE A 558 15.64 -1.29 -29.23
C ILE A 558 16.10 -1.51 -27.79
N GLY A 559 15.48 -2.44 -27.07
CA GLY A 559 15.90 -2.80 -25.73
C GLY A 559 15.20 -2.04 -24.61
N GLU A 560 14.28 -1.14 -24.95
CA GLU A 560 13.59 -0.37 -23.91
C GLU A 560 12.71 -1.24 -23.02
N ILE A 561 12.27 -2.39 -23.52
CA ILE A 561 11.48 -3.34 -22.76
C ILE A 561 12.09 -4.73 -22.91
N SER A 562 11.65 -5.66 -22.06
CA SER A 562 12.06 -7.04 -22.11
C SER A 562 10.93 -7.98 -22.51
N LYS A 563 9.80 -7.91 -21.82
CA LYS A 563 8.60 -8.66 -22.16
C LYS A 563 7.66 -7.80 -23.00
N THR A 564 6.67 -8.47 -23.59
CA THR A 564 5.64 -7.74 -24.33
C THR A 564 4.59 -7.13 -23.41
N GLU A 565 4.30 -7.78 -22.28
CA GLU A 565 3.40 -7.20 -21.30
C GLU A 565 3.90 -5.84 -20.83
N GLU A 566 5.22 -5.65 -20.81
CA GLU A 566 5.79 -4.36 -20.45
C GLU A 566 5.47 -3.30 -21.49
N GLY A 567 5.41 -3.69 -22.76
CA GLY A 567 5.18 -2.72 -23.82
C GLY A 567 3.76 -2.18 -23.84
N VAL A 568 2.78 -3.04 -23.57
CA VAL A 568 1.39 -2.57 -23.51
C VAL A 568 1.16 -1.74 -22.26
N ASN A 569 1.77 -2.13 -21.14
CA ASN A 569 1.69 -1.31 -19.93
C ASN A 569 2.25 0.08 -20.18
N LEU A 570 3.32 0.16 -20.97
CA LEU A 570 3.89 1.46 -21.31
C LEU A 570 2.97 2.26 -22.23
N GLY A 571 2.46 1.61 -23.28
CA GLY A 571 1.60 2.31 -24.23
C GLY A 571 0.30 2.77 -23.60
N GLN A 572 -0.29 1.95 -22.75
CA GLN A 572 -1.51 2.36 -22.06
C GLN A 572 -1.25 3.58 -21.17
N ALA A 573 -0.11 3.58 -20.45
CA ALA A 573 0.24 4.74 -19.65
C ALA A 573 0.44 5.97 -20.51
N LEU A 574 0.86 5.79 -21.76
CA LEU A 574 0.97 6.93 -22.66
C LEU A 574 -0.39 7.37 -23.17
N LEU A 575 -1.29 6.41 -23.39
CA LEU A 575 -2.66 6.73 -23.79
C LEU A 575 -3.40 7.45 -22.67
N GLU A 576 -3.26 6.94 -21.44
CA GLU A 576 -3.99 7.52 -20.32
C GLU A 576 -3.48 8.91 -19.97
N ASN A 577 -2.16 9.11 -20.07
CA ASN A 577 -1.55 10.40 -19.73
C ASN A 577 -1.58 11.40 -20.89
N GLY A 578 -2.49 11.23 -21.84
CA GLY A 578 -2.67 12.22 -22.89
C GLY A 578 -1.51 12.37 -23.85
N ILE A 579 -0.67 11.35 -23.97
CA ILE A 579 0.45 11.41 -24.91
C ILE A 579 0.06 10.82 -26.25
N ILE A 580 -0.49 9.61 -26.26
CA ILE A 580 -1.01 9.00 -27.48
C ILE A 580 -2.50 8.80 -27.33
N HIS A 581 -3.16 8.34 -28.38
CA HIS A 581 -4.59 8.07 -28.37
C HIS A 581 -4.95 7.31 -29.64
N HIS A 582 -6.04 6.55 -29.57
CA HIS A 582 -6.53 5.85 -30.76
C HIS A 582 -7.06 6.84 -31.78
N VAL A 583 -6.92 6.48 -33.06
CA VAL A 583 -7.30 7.37 -34.15
C VAL A 583 -8.76 7.75 -34.07
N SER A 584 -9.60 6.84 -33.56
CA SER A 584 -11.03 7.10 -33.39
C SER A 584 -11.42 7.22 -31.92
N ASP A 585 -10.44 7.21 -31.00
CA ASP A 585 -10.69 7.29 -29.57
C ASP A 585 -11.69 6.24 -29.10
N LYS A 586 -11.72 5.10 -29.79
CA LYS A 586 -12.65 4.03 -29.47
C LYS A 586 -11.96 2.77 -28.98
N HIS A 587 -10.65 2.82 -28.73
CA HIS A 587 -9.91 1.64 -28.33
C HIS A 587 -8.81 2.03 -27.35
N GLN A 588 -8.48 1.10 -26.47
CA GLN A 588 -7.34 1.25 -25.57
C GLN A 588 -6.11 0.65 -26.24
N PHE A 589 -4.96 0.81 -25.58
CA PHE A 589 -3.72 0.31 -26.17
C PHE A 589 -3.70 -1.21 -26.15
N LYS A 590 -3.34 -1.81 -27.28
CA LYS A 590 -3.25 -3.26 -27.41
C LYS A 590 -2.09 -3.61 -28.34
N ASN A 591 -1.58 -4.83 -28.19
CA ASN A 591 -0.52 -5.31 -29.06
C ASN A 591 -1.03 -5.69 -30.45
N GLU A 592 -2.31 -5.44 -30.74
CA GLU A 592 -2.86 -5.69 -32.07
C GLU A 592 -2.39 -4.60 -33.03
N GLN A 593 -2.76 -4.73 -34.29
CA GLN A 593 -2.34 -3.76 -35.31
C GLN A 593 -3.39 -2.65 -35.28
N VAL A 594 -3.69 -2.14 -34.09
CA VAL A 594 -4.66 -1.05 -33.95
C VAL A 594 -3.84 0.22 -34.12
N MET A 595 -4.38 1.17 -34.88
CA MET A 595 -3.65 2.38 -35.25
C MET A 595 -3.79 3.42 -34.16
N TYR A 596 -2.67 3.91 -33.66
CA TYR A 596 -2.62 4.98 -32.67
C TYR A 596 -1.84 6.16 -33.23
N ARG A 597 -2.04 7.32 -32.61
CA ARG A 597 -1.41 8.56 -33.06
C ARG A 597 -0.98 9.39 -31.86
N PHE A 598 0.18 10.02 -31.97
CA PHE A 598 0.62 10.96 -30.95
C PHE A 598 -0.25 12.22 -30.98
N ARG A 599 -0.63 12.69 -29.80
CA ARG A 599 -1.46 13.89 -29.70
C ARG A 599 -0.74 15.15 -30.16
N TYR A 600 0.55 15.06 -30.50
CA TYR A 600 1.23 16.20 -31.10
C TYR A 600 0.77 16.40 -32.53
N ASP A 601 0.66 15.31 -33.30
CA ASP A 601 0.44 15.40 -34.73
C ASP A 601 -0.93 15.96 -35.09
N ASP A 602 -1.95 15.71 -34.27
CA ASP A 602 -3.30 16.16 -34.55
C ASP A 602 -3.72 17.34 -33.67
N GLY A 603 -2.76 18.01 -33.04
CA GLY A 603 -3.06 19.24 -32.31
C GLY A 603 -3.99 19.08 -31.14
N THR A 604 -3.96 17.93 -30.46
CA THR A 604 -4.78 17.69 -29.29
C THR A 604 -3.96 17.67 -28.00
N TYR A 605 -2.74 18.17 -28.04
CA TYR A 605 -1.85 18.10 -26.88
C TYR A 605 -2.00 19.33 -25.99
#